data_2IXB
#
_entry.id   2IXB
#
_cell.length_a   88.189
_cell.length_b   88.189
_cell.length_c   301.438
_cell.angle_alpha   90.00
_cell.angle_beta   90.00
_cell.angle_gamma   120.00
#
_symmetry.space_group_name_H-M   'P 65 2 2'
#
loop_
_entity.id
_entity.type
_entity.pdbx_description
1 polymer ALPHA-N-ACETYLGALACTOSAMINIDASE
2 non-polymer NICOTINAMIDE-ADENINE-DINUCLEOTIDE
3 non-polymer 2-acetamido-2-deoxy-alpha-D-galactopyranose
4 non-polymer (4R)-2-METHYLPENTANE-2,4-DIOL
5 non-polymer (4S)-2-METHYL-2,4-PENTANEDIOL
6 water water
#
_entity_poly.entity_id   1
_entity_poly.type   'polypeptide(L)'
_entity_poly.pdbx_seq_one_letter_code
;MGALIPSSTLFNIFDFNPKKVRIAFIAVGLRGQTHVENMARRDDVEIVAFADPDPYMVGRAQEILKKNGKKPAKVFGNGN
DDYKNMLKDKNIDAVFVSSPWEWHHEHGVAAMKAGKIVGMEVSGAITLEECWDYVKVSEQTGVPLMALENVCYRRDVMAI
LNMVRKGMFGELVHGTGGYQHDLRPVLFNSGINGKNGDGVEFGEKAFSEAKWRTNHYKNRNGELYPTHGVGPLHTMMDIN
RGNRLLRLSSFASKARGLHKYIVDKGGESHPNAKVEWKQGDIVTTQIQCHNGETIVLTHDTSLQRPYNLGFKVQGTEGLW
EDFGWGEAAQGFIYFEKIMNHSHRWDSSEKWIKEYDHPMWKKHEQKAVGAGHGGMDYFLDNTFVECIKRNEAFPLDVYDL
ATWYSITPLSEKSIAENGAVQEIPDFTNGKWKNAKNTFAINDDY
;
_entity_poly.pdbx_strand_id   A
#
# COMPACT_ATOMS: atom_id res chain seq x y z
N LYS A 19 -26.66 11.74 -6.84
CA LYS A 19 -25.78 12.81 -6.28
C LYS A 19 -24.63 12.22 -5.45
N LYS A 20 -24.92 11.16 -4.71
CA LYS A 20 -23.93 10.54 -3.83
C LYS A 20 -23.50 9.16 -4.37
N VAL A 21 -22.26 8.77 -4.05
CA VAL A 21 -21.60 7.61 -4.66
C VAL A 21 -21.98 6.31 -3.94
N ARG A 22 -22.39 5.29 -4.70
CA ARG A 22 -22.80 4.01 -4.14
C ARG A 22 -21.61 3.07 -4.13
N ILE A 23 -21.10 2.77 -2.93
CA ILE A 23 -19.88 1.98 -2.77
C ILE A 23 -20.19 0.63 -2.10
N ALA A 24 -19.52 -0.41 -2.58
CA ALA A 24 -19.60 -1.75 -1.97
C ALA A 24 -18.18 -2.27 -1.69
N PHE A 25 -18.09 -3.37 -0.95
CA PHE A 25 -16.82 -3.85 -0.43
C PHE A 25 -16.64 -5.34 -0.68
N ILE A 26 -15.64 -5.71 -1.49
CA ILE A 26 -15.23 -7.10 -1.60
C ILE A 26 -14.14 -7.33 -0.54
N ALA A 27 -14.53 -8.04 0.52
CA ALA A 27 -13.68 -8.34 1.68
C ALA A 27 -13.78 -7.24 2.73
N VAL A 28 -14.33 -7.58 3.90
CA VAL A 28 -14.43 -6.64 5.03
C VAL A 28 -13.68 -7.23 6.24
N GLY A 29 -12.44 -7.64 6.00
CA GLY A 29 -11.50 -8.01 7.05
C GLY A 29 -11.00 -6.76 7.73
N LEU A 30 -9.85 -6.84 8.38
CA LEU A 30 -9.40 -5.72 9.20
C LEU A 30 -9.13 -4.44 8.39
N ARG A 31 -8.62 -4.58 7.16
CA ARG A 31 -8.34 -3.41 6.32
C ARG A 31 -9.62 -2.93 5.62
N GLY A 32 -10.43 -3.87 5.13
CA GLY A 32 -11.73 -3.53 4.59
C GLY A 32 -12.56 -2.72 5.56
N GLN A 33 -12.55 -3.13 6.83
CA GLN A 33 -13.22 -2.41 7.90
C GLN A 33 -12.80 -0.94 8.02
N THR A 34 -11.51 -0.65 7.84
CA THR A 34 -11.02 0.74 7.84
C THR A 34 -11.67 1.58 6.74
N HIS A 35 -11.73 1.02 5.53
CA HIS A 35 -12.37 1.70 4.41
C HIS A 35 -13.86 1.91 4.65
N VAL A 36 -14.50 0.93 5.28
CA VAL A 36 -15.90 1.01 5.64
C VAL A 36 -16.12 2.20 6.57
N GLU A 37 -15.28 2.35 7.59
CA GLU A 37 -15.36 3.49 8.51
C GLU A 37 -15.17 4.83 7.80
N ASN A 38 -14.21 4.92 6.89
CA ASN A 38 -13.97 6.15 6.14
C ASN A 38 -15.20 6.55 5.33
N MET A 39 -15.82 5.57 4.68
CA MET A 39 -17.01 5.82 3.87
C MET A 39 -18.24 6.08 4.73
N ALA A 40 -18.33 5.40 5.87
CA ALA A 40 -19.46 5.55 6.79
C ALA A 40 -19.52 6.96 7.41
N ARG A 41 -18.37 7.62 7.49
CA ARG A 41 -18.29 8.98 8.05
C ARG A 41 -18.61 10.08 7.03
N ARG A 42 -18.81 9.73 5.75
CA ARG A 42 -19.12 10.71 4.71
C ARG A 42 -20.62 10.76 4.38
N ASP A 43 -21.11 11.97 4.08
CA ASP A 43 -22.51 12.17 3.68
CA ASP A 43 -22.52 12.16 3.68
C ASP A 43 -22.71 12.08 2.16
N ASP A 44 -21.60 12.01 1.41
CA ASP A 44 -21.65 11.90 -0.05
C ASP A 44 -21.46 10.46 -0.56
N VAL A 45 -21.64 9.49 0.32
CA VAL A 45 -21.48 8.09 -0.02
C VAL A 45 -22.59 7.27 0.63
N GLU A 46 -23.07 6.25 -0.08
CA GLU A 46 -23.97 5.26 0.49
C GLU A 46 -23.34 3.89 0.37
N ILE A 47 -23.21 3.20 1.51
CA ILE A 47 -22.60 1.88 1.57
C ILE A 47 -23.68 0.84 1.30
N VAL A 48 -23.67 0.27 0.09
CA VAL A 48 -24.76 -0.60 -0.32
C VAL A 48 -24.59 -2.06 0.17
N ALA A 49 -23.41 -2.65 -0.03
CA ALA A 49 -23.24 -4.09 0.20
C ALA A 49 -21.83 -4.53 0.62
N PHE A 50 -21.76 -5.67 1.32
CA PHE A 50 -20.51 -6.35 1.69
C PHE A 50 -20.46 -7.75 1.06
N ALA A 51 -19.27 -8.19 0.64
CA ALA A 51 -19.06 -9.58 0.19
C ALA A 51 -17.88 -10.18 0.96
N ASP A 52 -18.16 -11.07 1.90
CA ASP A 52 -17.14 -11.70 2.74
C ASP A 52 -17.71 -13.02 3.29
N PRO A 53 -16.98 -14.15 3.08
CA PRO A 53 -17.43 -15.45 3.59
C PRO A 53 -17.30 -15.65 5.11
N ASP A 54 -16.62 -14.73 5.79
CA ASP A 54 -16.42 -14.82 7.25
C ASP A 54 -17.47 -13.98 7.99
N PRO A 55 -18.42 -14.65 8.70
CA PRO A 55 -19.46 -13.92 9.44
C PRO A 55 -18.96 -12.97 10.54
N TYR A 56 -17.86 -13.32 11.21
CA TYR A 56 -17.30 -12.48 12.27
C TYR A 56 -16.84 -11.13 11.72
N MET A 57 -16.15 -11.17 10.59
CA MET A 57 -15.65 -9.95 9.94
C MET A 57 -16.81 -9.07 9.48
N VAL A 58 -17.82 -9.67 8.85
CA VAL A 58 -19.02 -8.94 8.43
C VAL A 58 -19.72 -8.26 9.61
N GLY A 59 -19.74 -8.93 10.75
CA GLY A 59 -20.39 -8.41 11.94
C GLY A 59 -19.79 -7.14 12.49
N ARG A 60 -18.45 -7.05 12.49
CA ARG A 60 -17.78 -5.84 12.98
C ARG A 60 -17.94 -4.68 12.00
N ALA A 61 -18.00 -5.01 10.70
CA ALA A 61 -18.25 -4.02 9.65
C ALA A 61 -19.65 -3.44 9.76
N GLN A 62 -20.64 -4.29 10.05
CA GLN A 62 -22.01 -3.84 10.28
C GLN A 62 -22.14 -2.97 11.53
N GLU A 63 -21.28 -3.22 12.51
CA GLU A 63 -21.27 -2.43 13.74
C GLU A 63 -20.66 -1.05 13.50
N ILE A 64 -19.77 -0.94 12.52
CA ILE A 64 -19.17 0.35 12.13
C ILE A 64 -20.21 1.26 11.48
N LEU A 65 -21.05 0.67 10.64
CA LEU A 65 -22.20 1.38 10.04
C LEU A 65 -23.19 1.86 11.10
N LYS A 66 -23.55 0.97 12.02
CA LYS A 66 -24.50 1.27 13.08
C LYS A 66 -23.97 2.39 13.98
N LYS A 67 -22.67 2.34 14.25
CA LYS A 67 -21.97 3.37 15.04
C LYS A 67 -22.04 4.76 14.37
N ASN A 68 -22.03 4.79 13.03
CA ASN A 68 -22.06 6.05 12.29
C ASN A 68 -23.46 6.47 11.82
N GLY A 69 -24.49 5.78 12.30
CA GLY A 69 -25.87 6.14 11.97
C GLY A 69 -26.28 5.84 10.54
N LYS A 70 -25.58 4.92 9.88
CA LYS A 70 -25.92 4.50 8.54
C LYS A 70 -26.62 3.14 8.62
N LYS A 71 -27.52 2.89 7.66
CA LYS A 71 -28.31 1.66 7.64
C LYS A 71 -27.44 0.47 7.21
N PRO A 72 -27.82 -0.77 7.59
CA PRO A 72 -27.04 -1.96 7.26
C PRO A 72 -26.77 -2.16 5.76
N ALA A 73 -25.75 -2.97 5.46
CA ALA A 73 -25.42 -3.36 4.10
C ALA A 73 -25.98 -4.74 3.78
N LYS A 74 -26.32 -4.97 2.52
CA LYS A 74 -26.69 -6.31 2.05
C LYS A 74 -25.43 -7.15 2.08
N VAL A 75 -25.55 -8.38 2.58
CA VAL A 75 -24.41 -9.25 2.82
C VAL A 75 -24.41 -10.39 1.81
N PHE A 76 -23.28 -10.58 1.16
CA PHE A 76 -23.04 -11.72 0.28
C PHE A 76 -21.96 -12.59 0.93
N GLY A 77 -22.40 -13.52 1.79
CA GLY A 77 -21.49 -14.33 2.61
C GLY A 77 -21.50 -15.82 2.30
N ASN A 78 -22.09 -16.19 1.16
CA ASN A 78 -22.18 -17.58 0.74
C ASN A 78 -20.95 -18.01 -0.09
N GLY A 79 -19.86 -18.31 0.62
CA GLY A 79 -18.66 -18.85 0.00
C GLY A 79 -17.80 -17.80 -0.66
N ASN A 80 -16.74 -18.25 -1.31
CA ASN A 80 -15.74 -17.36 -1.91
C ASN A 80 -16.20 -16.63 -3.16
N ASP A 81 -17.17 -17.21 -3.86
CA ASP A 81 -17.60 -16.71 -5.17
C ASP A 81 -18.83 -15.79 -5.12
N ASP A 82 -19.30 -15.46 -3.92
CA ASP A 82 -20.52 -14.66 -3.78
C ASP A 82 -20.36 -13.18 -4.18
N TYR A 83 -19.12 -12.73 -4.32
CA TYR A 83 -18.84 -11.38 -4.86
C TYR A 83 -19.40 -11.24 -6.28
N LYS A 84 -19.44 -12.34 -7.03
CA LYS A 84 -19.97 -12.36 -8.40
C LYS A 84 -21.44 -11.92 -8.47
N ASN A 85 -22.20 -12.32 -7.44
CA ASN A 85 -23.61 -11.94 -7.35
C ASN A 85 -23.78 -10.49 -6.89
N MET A 86 -22.88 -10.00 -6.04
CA MET A 86 -22.89 -8.59 -5.61
C MET A 86 -22.60 -7.66 -6.77
N LEU A 87 -21.72 -8.08 -7.67
CA LEU A 87 -21.32 -7.24 -8.83
C LEU A 87 -22.42 -7.09 -9.87
N LYS A 88 -23.46 -7.92 -9.80
CA LYS A 88 -24.63 -7.81 -10.68
C LYS A 88 -25.56 -6.65 -10.33
N ASP A 89 -25.37 -6.06 -9.15
CA ASP A 89 -26.18 -4.93 -8.71
C ASP A 89 -25.80 -3.67 -9.49
N LYS A 90 -26.71 -3.22 -10.36
CA LYS A 90 -26.47 -2.04 -11.19
C LYS A 90 -26.37 -0.74 -10.42
N ASN A 91 -26.86 -0.73 -9.18
CA ASN A 91 -26.78 0.45 -8.32
C ASN A 91 -25.36 0.81 -7.89
N ILE A 92 -24.49 -0.19 -7.74
CA ILE A 92 -23.12 0.00 -7.25
C ILE A 92 -22.26 0.76 -8.27
N ASP A 93 -21.66 1.87 -7.84
CA ASP A 93 -20.81 2.69 -8.70
C ASP A 93 -19.36 2.21 -8.65
N ALA A 94 -18.89 1.93 -7.44
CA ALA A 94 -17.49 1.58 -7.18
C ALA A 94 -17.38 0.53 -6.09
N VAL A 95 -16.27 -0.21 -6.07
CA VAL A 95 -15.98 -1.16 -4.98
C VAL A 95 -14.55 -1.00 -4.45
N PHE A 96 -14.39 -1.28 -3.15
CA PHE A 96 -13.08 -1.43 -2.52
C PHE A 96 -12.75 -2.92 -2.45
N VAL A 97 -11.55 -3.28 -2.91
CA VAL A 97 -11.06 -4.67 -2.84
C VAL A 97 -9.96 -4.74 -1.76
N SER A 98 -10.26 -5.45 -0.67
CA SER A 98 -9.39 -5.55 0.50
C SER A 98 -9.23 -7.02 0.90
N SER A 99 -9.07 -7.87 -0.13
CA SER A 99 -8.97 -9.32 0.03
C SER A 99 -7.51 -9.75 0.18
N PRO A 100 -7.26 -11.04 0.50
CA PRO A 100 -5.90 -11.59 0.47
C PRO A 100 -5.23 -11.42 -0.89
N TRP A 101 -3.89 -11.41 -0.89
CA TRP A 101 -3.08 -11.13 -2.09
C TRP A 101 -3.44 -12.00 -3.31
N GLU A 102 -3.58 -13.30 -3.06
CA GLU A 102 -3.93 -14.27 -4.08
C GLU A 102 -5.34 -14.05 -4.67
N TRP A 103 -6.17 -13.26 -3.99
CA TRP A 103 -7.53 -12.94 -4.46
C TRP A 103 -7.66 -11.57 -5.16
N HIS A 104 -6.59 -10.77 -5.19
CA HIS A 104 -6.66 -9.41 -5.72
C HIS A 104 -7.04 -9.35 -7.19
N HIS A 105 -6.36 -10.13 -8.03
CA HIS A 105 -6.60 -10.16 -9.48
C HIS A 105 -8.02 -10.58 -9.85
N GLU A 106 -8.47 -11.70 -9.30
CA GLU A 106 -9.79 -12.24 -9.60
C GLU A 106 -10.89 -11.24 -9.22
N HIS A 107 -10.77 -10.64 -8.05
CA HIS A 107 -11.77 -9.67 -7.58
C HIS A 107 -11.74 -8.36 -8.36
N GLY A 108 -10.54 -7.86 -8.65
CA GLY A 108 -10.35 -6.60 -9.36
C GLY A 108 -10.84 -6.60 -10.80
N VAL A 109 -10.48 -7.63 -11.56
CA VAL A 109 -10.87 -7.71 -12.97
C VAL A 109 -12.36 -8.04 -13.14
N ALA A 110 -12.91 -8.86 -12.26
CA ALA A 110 -14.35 -9.16 -12.27
C ALA A 110 -15.14 -7.89 -12.00
N ALA A 111 -14.63 -7.02 -11.13
CA ALA A 111 -15.27 -5.73 -10.80
C ALA A 111 -15.29 -4.80 -12.01
N MET A 112 -14.15 -4.63 -12.67
CA MET A 112 -14.04 -3.76 -13.85
C MET A 112 -14.91 -4.28 -15.00
N LYS A 113 -14.99 -5.60 -15.15
CA LYS A 113 -15.82 -6.21 -16.20
C LYS A 113 -17.31 -6.01 -15.93
N ALA A 114 -17.69 -5.99 -14.65
CA ALA A 114 -19.06 -5.68 -14.26
C ALA A 114 -19.35 -4.18 -14.32
N GLY A 115 -18.34 -3.38 -14.67
CA GLY A 115 -18.50 -1.94 -14.82
C GLY A 115 -18.41 -1.17 -13.51
N LYS A 116 -17.64 -1.69 -12.56
CA LYS A 116 -17.47 -1.05 -11.24
C LYS A 116 -16.08 -0.44 -11.11
N ILE A 117 -16.01 0.84 -10.76
CA ILE A 117 -14.73 1.53 -10.50
C ILE A 117 -14.09 0.87 -9.29
N VAL A 118 -12.78 0.63 -9.33
CA VAL A 118 -12.12 -0.16 -8.28
C VAL A 118 -11.08 0.62 -7.47
N GLY A 119 -11.17 0.50 -6.15
CA GLY A 119 -10.09 0.87 -5.24
C GLY A 119 -9.40 -0.42 -4.80
N MET A 120 -8.15 -0.59 -5.20
CA MET A 120 -7.42 -1.82 -4.98
C MET A 120 -6.41 -1.66 -3.86
N GLU A 121 -6.51 -2.52 -2.85
CA GLU A 121 -5.53 -2.53 -1.77
C GLU A 121 -4.14 -2.95 -2.25
N VAL A 122 -3.13 -2.54 -1.50
CA VAL A 122 -1.75 -2.77 -1.88
C VAL A 122 -1.28 -4.19 -1.56
N SER A 123 -0.23 -4.58 -2.26
CA SER A 123 0.43 -5.88 -2.14
C SER A 123 1.40 -5.96 -3.32
N GLY A 124 1.81 -7.17 -3.67
CA GLY A 124 2.49 -7.42 -4.95
C GLY A 124 1.71 -8.46 -5.75
N ALA A 125 2.09 -8.64 -7.02
CA ALA A 125 1.42 -9.60 -7.89
C ALA A 125 1.88 -11.01 -7.58
N ILE A 126 1.01 -11.98 -7.84
CA ILE A 126 1.37 -13.39 -7.70
C ILE A 126 2.19 -13.77 -8.91
N THR A 127 1.76 -13.29 -10.08
CA THR A 127 2.51 -13.49 -11.32
C THR A 127 2.62 -12.17 -12.08
N LEU A 128 3.57 -12.11 -13.00
CA LEU A 128 3.73 -10.97 -13.88
C LEU A 128 2.53 -10.82 -14.84
N GLU A 129 1.86 -11.94 -15.12
CA GLU A 129 0.71 -11.98 -16.03
C GLU A 129 -0.48 -11.19 -15.45
N GLU A 130 -0.71 -11.32 -14.15
CA GLU A 130 -1.75 -10.55 -13.46
C GLU A 130 -1.60 -9.06 -13.76
N CYS A 131 -0.35 -8.57 -13.74
CA CYS A 131 -0.09 -7.15 -13.89
C CYS A 131 -0.57 -6.65 -15.22
N TRP A 132 -0.24 -7.38 -16.28
CA TRP A 132 -0.67 -7.01 -17.62
C TRP A 132 -2.18 -7.09 -17.76
N ASP A 133 -2.79 -8.10 -17.16
CA ASP A 133 -4.23 -8.29 -17.25
C ASP A 133 -5.04 -7.18 -16.58
N TYR A 134 -4.50 -6.57 -15.52
CA TYR A 134 -5.17 -5.43 -14.89
C TYR A 134 -5.27 -4.30 -15.89
N VAL A 135 -4.13 -3.98 -16.52
CA VAL A 135 -4.05 -2.84 -17.45
C VAL A 135 -4.89 -3.08 -18.69
N LYS A 136 -4.85 -4.30 -19.22
CA LYS A 136 -5.57 -4.64 -20.44
C LYS A 136 -7.09 -4.67 -20.22
N VAL A 137 -7.53 -5.26 -19.11
CA VAL A 137 -8.96 -5.26 -18.75
C VAL A 137 -9.49 -3.82 -18.54
N SER A 138 -8.68 -2.98 -17.90
CA SER A 138 -9.07 -1.61 -17.59
C SER A 138 -9.17 -0.77 -18.86
N GLU A 139 -8.23 -0.96 -19.78
CA GLU A 139 -8.24 -0.22 -21.03
C GLU A 139 -9.42 -0.63 -21.93
N GLN A 140 -9.76 -1.92 -21.91
CA GLN A 140 -10.84 -2.46 -22.74
C GLN A 140 -12.22 -2.09 -22.18
N THR A 141 -12.38 -2.23 -20.87
CA THR A 141 -13.65 -1.88 -20.24
C THR A 141 -13.84 -0.37 -20.12
N GLY A 142 -12.75 0.37 -19.99
CA GLY A 142 -12.80 1.82 -19.79
C GLY A 142 -13.08 2.18 -18.34
N VAL A 143 -12.99 1.19 -17.45
CA VAL A 143 -13.23 1.35 -16.01
C VAL A 143 -11.89 1.55 -15.28
N PRO A 144 -11.71 2.72 -14.63
CA PRO A 144 -10.43 2.99 -13.98
C PRO A 144 -10.26 2.30 -12.64
N LEU A 145 -8.99 2.12 -12.25
CA LEU A 145 -8.62 1.50 -10.97
C LEU A 145 -7.65 2.43 -10.23
N MET A 146 -7.83 2.58 -8.91
CA MET A 146 -6.90 3.33 -8.08
C MET A 146 -6.04 2.41 -7.22
N ALA A 147 -4.73 2.63 -7.22
CA ALA A 147 -3.82 1.99 -6.29
C ALA A 147 -3.96 2.66 -4.92
N LEU A 148 -4.50 1.94 -3.94
CA LEU A 148 -4.76 2.53 -2.61
C LEU A 148 -3.52 2.57 -1.71
N GLU A 149 -2.52 3.36 -2.13
CA GLU A 149 -1.26 3.52 -1.38
C GLU A 149 -1.36 4.71 -0.42
N ASN A 150 -1.57 4.39 0.87
CA ASN A 150 -1.84 5.41 1.89
C ASN A 150 -0.61 6.15 2.39
N VAL A 151 0.57 5.53 2.30
CA VAL A 151 1.80 6.17 2.78
C VAL A 151 2.17 7.37 1.91
N CYS A 152 1.66 7.42 0.68
CA CYS A 152 1.80 8.61 -0.17
C CYS A 152 1.15 9.85 0.44
N TYR A 153 0.17 9.63 1.32
CA TYR A 153 -0.56 10.72 2.00
C TYR A 153 -0.09 10.93 3.44
N ARG A 154 1.04 10.34 3.82
CA ARG A 154 1.54 10.50 5.19
C ARG A 154 2.02 11.93 5.33
N ARG A 155 1.77 12.54 6.49
CA ARG A 155 1.95 13.99 6.66
C ARG A 155 3.37 14.49 6.40
N ASP A 156 4.37 13.76 6.89
CA ASP A 156 5.77 14.09 6.60
C ASP A 156 6.12 13.90 5.10
N VAL A 157 5.68 12.80 4.50
CA VAL A 157 5.91 12.51 3.07
C VAL A 157 5.32 13.59 2.16
N MET A 158 4.10 14.02 2.49
CA MET A 158 3.48 15.10 1.75
C MET A 158 4.18 16.45 1.91
N ALA A 159 4.73 16.72 3.11
CA ALA A 159 5.56 17.91 3.31
C ALA A 159 6.85 17.84 2.48
N ILE A 160 7.46 16.66 2.41
CA ILE A 160 8.68 16.47 1.59
C ILE A 160 8.38 16.63 0.10
N LEU A 161 7.28 16.04 -0.37
CA LEU A 161 6.78 16.25 -1.74
C LEU A 161 6.65 17.73 -2.08
N ASN A 162 6.05 18.48 -1.16
CA ASN A 162 5.90 19.93 -1.30
C ASN A 162 7.26 20.62 -1.41
N MET A 163 8.21 20.21 -0.58
CA MET A 163 9.56 20.76 -0.64
C MET A 163 10.28 20.41 -1.93
N VAL A 164 10.16 19.16 -2.37
CA VAL A 164 10.73 18.74 -3.66
C VAL A 164 10.20 19.60 -4.81
N ARG A 165 8.88 19.79 -4.86
CA ARG A 165 8.23 20.58 -5.92
C ARG A 165 8.56 22.07 -5.86
N LYS A 166 8.84 22.57 -4.66
CA LYS A 166 9.30 23.94 -4.46
C LYS A 166 10.76 24.15 -4.92
N GLY A 167 11.47 23.05 -5.19
CA GLY A 167 12.85 23.11 -5.67
C GLY A 167 13.91 22.98 -4.57
N MET A 168 13.48 22.69 -3.35
CA MET A 168 14.36 22.72 -2.18
C MET A 168 15.40 21.58 -2.19
N PHE A 169 15.06 20.45 -2.81
CA PHE A 169 16.01 19.32 -2.95
C PHE A 169 16.85 19.42 -4.21
N GLY A 170 16.59 20.43 -5.03
CA GLY A 170 17.22 20.54 -6.34
C GLY A 170 16.80 19.35 -7.18
N GLU A 171 17.76 18.79 -7.91
CA GLU A 171 17.50 17.66 -8.77
C GLU A 171 17.74 16.39 -7.96
N LEU A 172 16.73 15.52 -7.92
CA LEU A 172 16.84 14.25 -7.20
C LEU A 172 17.72 13.26 -7.97
N VAL A 173 18.55 12.51 -7.23
CA VAL A 173 19.40 11.48 -7.82
C VAL A 173 19.17 10.08 -7.19
N HIS A 174 18.61 10.03 -5.98
CA HIS A 174 18.55 8.78 -5.23
C HIS A 174 17.48 8.81 -4.16
N GLY A 175 16.86 7.66 -3.93
CA GLY A 175 15.92 7.50 -2.84
C GLY A 175 15.94 6.10 -2.27
N THR A 176 15.60 5.96 -0.99
CA THR A 176 15.40 4.63 -0.40
C THR A 176 14.07 4.63 0.34
N GLY A 177 13.53 3.44 0.53
CA GLY A 177 12.35 3.22 1.39
C GLY A 177 12.13 1.73 1.45
N GLY A 178 11.18 1.28 2.26
CA GLY A 178 10.94 -0.14 2.36
C GLY A 178 9.90 -0.44 3.39
N TYR A 179 9.25 -1.60 3.27
CA TYR A 179 8.32 -2.02 4.30
C TYR A 179 9.16 -2.70 5.38
N GLN A 180 9.43 -1.97 6.46
CA GLN A 180 10.20 -2.48 7.59
C GLN A 180 9.34 -2.40 8.84
N HIS A 181 8.60 -3.48 9.09
CA HIS A 181 7.55 -3.53 10.10
C HIS A 181 7.49 -4.96 10.61
N ASP A 182 7.74 -5.13 11.91
CA ASP A 182 7.70 -6.42 12.59
C ASP A 182 6.30 -7.05 12.53
N LEU A 183 6.14 -8.06 11.67
CA LEU A 183 4.84 -8.72 11.44
C LEU A 183 4.71 -10.11 12.09
N ARG A 184 5.68 -10.48 12.93
CA ARG A 184 5.64 -11.77 13.61
C ARG A 184 4.33 -12.02 14.39
N PRO A 185 3.85 -11.01 15.16
CA PRO A 185 2.57 -11.15 15.88
C PRO A 185 1.31 -11.07 15.00
N VAL A 186 1.47 -10.72 13.73
CA VAL A 186 0.37 -10.67 12.79
C VAL A 186 0.35 -11.94 11.92
N LEU A 187 1.52 -12.51 11.68
CA LEU A 187 1.66 -13.70 10.85
C LEU A 187 1.35 -14.99 11.63
N PHE A 188 1.32 -14.89 12.95
CA PHE A 188 1.04 -16.03 13.83
C PHE A 188 0.12 -15.61 14.93
N ASN A 189 -0.95 -16.38 15.13
CA ASN A 189 -1.82 -16.14 16.26
C ASN A 189 -2.47 -17.44 16.72
N SER A 190 -3.42 -17.34 17.64
CA SER A 190 -4.06 -18.51 18.21
C SER A 190 -5.22 -19.02 17.35
N GLY A 191 -5.78 -18.15 16.52
CA GLY A 191 -6.97 -18.48 15.73
C GLY A 191 -8.26 -17.98 16.35
N ILE A 192 -8.15 -17.39 17.54
CA ILE A 192 -9.29 -16.75 18.23
C ILE A 192 -9.68 -15.49 17.46
N ASN A 193 -10.98 -15.32 17.20
CA ASN A 193 -11.45 -14.14 16.48
C ASN A 193 -11.10 -12.86 17.24
N GLY A 194 -10.48 -11.93 16.53
CA GLY A 194 -10.20 -10.61 17.06
C GLY A 194 -8.83 -10.41 17.69
N LYS A 195 -8.03 -11.47 17.77
CA LYS A 195 -6.76 -11.42 18.50
C LYS A 195 -5.53 -11.73 17.65
N ASN A 196 -4.48 -10.97 17.90
CA ASN A 196 -3.17 -11.20 17.29
C ASN A 196 -2.12 -11.40 18.38
N GLY A 197 -0.94 -11.87 17.96
CA GLY A 197 0.22 -12.03 18.85
C GLY A 197 0.01 -12.92 20.08
N ASP A 198 -0.88 -13.91 19.97
CA ASP A 198 -1.26 -14.72 21.13
C ASP A 198 -1.17 -16.22 20.84
N GLY A 199 -0.31 -16.58 19.90
CA GLY A 199 -0.16 -17.96 19.49
C GLY A 199 0.81 -18.13 18.34
N VAL A 200 0.95 -19.36 17.88
CA VAL A 200 1.94 -19.70 16.88
C VAL A 200 1.32 -20.44 15.69
N GLU A 201 0.00 -20.32 15.54
CA GLU A 201 -0.70 -20.99 14.44
C GLU A 201 -0.76 -20.11 13.20
N PHE A 202 -0.76 -20.75 12.03
CA PHE A 202 -1.00 -20.09 10.74
C PHE A 202 -1.78 -21.03 9.80
N GLY A 203 -2.39 -20.47 8.77
CA GLY A 203 -3.18 -21.27 7.81
C GLY A 203 -4.66 -21.35 8.17
N GLU A 204 -5.28 -22.49 7.87
CA GLU A 204 -6.75 -22.63 7.92
C GLU A 204 -7.36 -22.35 9.30
N LYS A 205 -6.62 -22.66 10.36
CA LYS A 205 -7.11 -22.51 11.73
C LYS A 205 -6.74 -21.16 12.40
N ALA A 206 -5.97 -20.32 11.70
CA ALA A 206 -5.54 -19.02 12.25
C ALA A 206 -6.54 -17.91 11.93
N PHE A 207 -6.31 -16.71 12.47
CA PHE A 207 -7.20 -15.55 12.29
C PHE A 207 -6.55 -14.43 11.47
N SER A 208 -7.39 -13.73 10.71
CA SER A 208 -6.97 -12.57 9.91
C SER A 208 -5.79 -12.93 9.02
N GLU A 209 -4.75 -12.10 9.01
CA GLU A 209 -3.62 -12.25 8.07
C GLU A 209 -2.81 -13.53 8.24
N ALA A 210 -2.81 -14.09 9.45
CA ALA A 210 -2.18 -15.40 9.71
C ALA A 210 -2.79 -16.55 8.87
N LYS A 211 -4.06 -16.43 8.48
CA LYS A 211 -4.72 -17.40 7.58
C LYS A 211 -4.00 -17.55 6.24
N TRP A 212 -3.57 -16.42 5.67
CA TRP A 212 -3.19 -16.40 4.28
C TRP A 212 -1.81 -15.83 4.00
N ARG A 213 -1.39 -14.82 4.76
CA ARG A 213 -0.13 -14.13 4.44
C ARG A 213 1.10 -15.01 4.71
N THR A 214 1.09 -15.70 5.86
CA THR A 214 2.22 -16.49 6.30
C THR A 214 2.60 -17.60 5.30
N ASN A 215 1.61 -18.14 4.60
CA ASN A 215 1.88 -19.14 3.56
C ASN A 215 2.84 -18.65 2.48
N HIS A 216 2.77 -17.35 2.15
CA HIS A 216 3.65 -16.74 1.16
C HIS A 216 5.12 -16.77 1.60
N TYR A 217 5.33 -16.58 2.90
CA TYR A 217 6.66 -16.67 3.51
C TYR A 217 7.23 -18.09 3.42
N LYS A 218 6.33 -19.08 3.39
CA LYS A 218 6.75 -20.47 3.34
C LYS A 218 7.10 -20.92 1.92
N ASN A 219 6.39 -20.40 0.91
CA ASN A 219 6.54 -20.87 -0.48
C ASN A 219 7.31 -19.92 -1.41
N ARG A 220 7.56 -18.69 -0.96
CA ARG A 220 8.15 -17.65 -1.82
C ARG A 220 9.32 -16.91 -1.17
N ASN A 221 10.14 -16.29 -2.00
CA ASN A 221 11.29 -15.50 -1.54
C ASN A 221 11.52 -14.29 -2.45
N GLY A 222 11.09 -13.11 -2.00
CA GLY A 222 11.24 -11.89 -2.80
C GLY A 222 10.70 -10.66 -2.09
N GLU A 223 10.65 -9.55 -2.83
CA GLU A 223 10.05 -8.30 -2.34
C GLU A 223 8.53 -8.43 -2.37
N LEU A 224 7.99 -9.06 -1.32
CA LEU A 224 6.56 -9.39 -1.25
C LEU A 224 5.63 -8.18 -1.00
N TYR A 225 6.19 -7.01 -0.72
CA TYR A 225 5.36 -5.85 -0.32
C TYR A 225 6.05 -4.50 -0.60
N PRO A 226 6.14 -4.11 -1.89
CA PRO A 226 6.95 -2.96 -2.33
C PRO A 226 6.33 -1.56 -2.26
N THR A 227 5.01 -1.47 -2.18
CA THR A 227 4.31 -0.21 -2.45
C THR A 227 4.51 0.88 -1.38
N HIS A 228 4.59 0.50 -0.10
CA HIS A 228 4.75 1.48 0.97
C HIS A 228 6.04 2.28 0.86
N GLY A 229 7.12 1.64 0.38
CA GLY A 229 8.40 2.31 0.22
C GLY A 229 8.58 2.97 -1.13
N VAL A 230 8.11 2.32 -2.20
CA VAL A 230 8.29 2.87 -3.54
C VAL A 230 7.29 3.98 -3.86
N GLY A 231 6.09 3.90 -3.29
CA GLY A 231 5.02 4.86 -3.56
C GLY A 231 5.38 6.34 -3.45
N PRO A 232 5.83 6.79 -2.26
CA PRO A 232 6.31 8.17 -2.09
C PRO A 232 7.38 8.62 -3.09
N LEU A 233 8.35 7.74 -3.37
CA LEU A 233 9.41 8.04 -4.32
C LEU A 233 8.85 8.14 -5.73
N HIS A 234 7.89 7.28 -6.06
CA HIS A 234 7.15 7.34 -7.32
C HIS A 234 6.63 8.76 -7.60
N THR A 235 5.94 9.34 -6.63
CA THR A 235 5.33 10.66 -6.77
C THR A 235 6.35 11.79 -6.87
N MET A 236 7.50 11.62 -6.21
CA MET A 236 8.55 12.64 -6.15
C MET A 236 9.45 12.62 -7.36
N MET A 237 9.67 11.44 -7.94
CA MET A 237 10.53 11.28 -9.12
C MET A 237 9.74 11.14 -10.44
N ASP A 238 8.43 11.39 -10.40
CA ASP A 238 7.57 11.39 -11.60
C ASP A 238 7.54 10.04 -12.35
N ILE A 239 7.56 8.94 -11.63
CA ILE A 239 7.51 7.63 -12.27
C ILE A 239 6.14 7.46 -12.94
N ASN A 240 6.18 6.98 -14.19
CA ASN A 240 5.03 6.91 -15.09
C ASN A 240 4.44 8.27 -15.49
N ARG A 241 5.06 9.37 -15.05
CA ARG A 241 4.60 10.74 -15.35
C ARG A 241 5.78 11.63 -15.78
N GLY A 242 6.56 11.13 -16.73
CA GLY A 242 7.76 11.82 -17.22
C GLY A 242 9.03 11.01 -16.98
N ASN A 243 8.92 9.98 -16.15
CA ASN A 243 10.01 9.08 -15.77
C ASN A 243 9.43 7.66 -15.71
N ARG A 244 10.27 6.64 -15.62
CA ARG A 244 9.78 5.29 -15.35
C ARG A 244 10.87 4.39 -14.80
N LEU A 245 10.45 3.25 -14.26
CA LEU A 245 11.38 2.28 -13.70
C LEU A 245 11.84 1.36 -14.84
N LEU A 246 13.16 1.18 -14.97
CA LEU A 246 13.77 0.42 -16.06
C LEU A 246 14.00 -1.04 -15.70
N ARG A 247 14.76 -1.30 -14.65
CA ARG A 247 15.14 -2.67 -14.30
C ARG A 247 15.46 -2.81 -12.82
N LEU A 248 15.62 -4.05 -12.35
CA LEU A 248 15.89 -4.27 -10.94
C LEU A 248 16.78 -5.48 -10.69
N SER A 249 17.27 -5.60 -9.46
CA SER A 249 18.05 -6.75 -9.00
C SER A 249 17.79 -6.89 -7.51
N SER A 250 17.50 -8.12 -7.05
CA SER A 250 17.13 -8.39 -5.66
C SER A 250 18.06 -9.41 -5.01
N PHE A 251 18.50 -9.10 -3.80
CA PHE A 251 19.29 -10.03 -2.97
C PHE A 251 18.47 -10.38 -1.71
N ALA A 252 18.54 -11.63 -1.30
CA ALA A 252 17.78 -12.10 -0.15
C ALA A 252 18.75 -12.71 0.85
N SER A 253 18.57 -12.38 2.13
CA SER A 253 19.34 -12.98 3.20
C SER A 253 18.72 -14.31 3.62
N LYS A 254 19.44 -15.04 4.46
CA LYS A 254 18.87 -16.22 5.11
C LYS A 254 17.61 -15.88 5.93
N ALA A 255 16.79 -16.91 6.16
CA ALA A 255 15.59 -16.79 6.98
C ALA A 255 15.90 -17.41 8.33
N ARG A 256 15.71 -16.62 9.40
CA ARG A 256 15.98 -17.04 10.78
C ARG A 256 14.95 -16.53 11.78
N GLY A 257 14.29 -15.43 11.47
CA GLY A 257 13.44 -14.74 12.42
C GLY A 257 12.13 -15.43 12.75
N LEU A 258 11.47 -16.01 11.75
CA LEU A 258 10.17 -16.65 11.97
C LEU A 258 10.29 -17.94 12.77
N HIS A 259 11.30 -18.75 12.46
CA HIS A 259 11.54 -19.98 13.20
C HIS A 259 11.87 -19.71 14.66
N LYS A 260 12.68 -18.68 14.89
CA LYS A 260 13.08 -18.30 16.23
C LYS A 260 11.89 -17.80 17.03
N TYR A 261 11.01 -17.05 16.38
CA TYR A 261 9.80 -16.56 17.03
C TYR A 261 8.90 -17.71 17.50
N ILE A 262 8.70 -18.69 16.62
CA ILE A 262 7.86 -19.85 16.92
C ILE A 262 8.41 -20.62 18.13
N VAL A 263 9.74 -20.78 18.18
CA VAL A 263 10.38 -21.49 19.30
C VAL A 263 10.27 -20.68 20.59
N ASP A 264 10.50 -19.38 20.54
CA ASP A 264 10.44 -18.54 21.76
C ASP A 264 9.03 -18.44 22.34
N LYS A 265 8.01 -18.44 21.49
CA LYS A 265 6.61 -18.28 21.93
C LYS A 265 5.92 -19.60 22.25
N GLY A 266 6.18 -20.62 21.43
CA GLY A 266 5.48 -21.92 21.53
C GLY A 266 6.34 -23.16 21.64
N GLY A 267 7.62 -23.01 22.03
CA GLY A 267 8.51 -24.16 22.22
C GLY A 267 8.87 -24.91 20.96
N GLU A 268 9.91 -25.75 21.07
CA GLU A 268 10.38 -26.58 19.94
C GLU A 268 9.41 -27.71 19.62
N SER A 269 8.58 -28.08 20.59
CA SER A 269 7.61 -29.18 20.42
C SER A 269 6.52 -28.89 19.38
N HIS A 270 6.25 -27.62 19.10
CA HIS A 270 5.16 -27.27 18.17
C HIS A 270 5.44 -27.79 16.76
N PRO A 271 4.41 -28.27 16.05
CA PRO A 271 4.55 -28.64 14.63
C PRO A 271 5.18 -27.57 13.74
N ASN A 272 4.84 -26.31 13.99
CA ASN A 272 5.31 -25.16 13.18
C ASN A 272 6.78 -24.79 13.41
N ALA A 273 7.40 -25.33 14.46
CA ALA A 273 8.83 -25.19 14.65
C ALA A 273 9.61 -26.08 13.66
N LYS A 274 8.88 -26.80 12.81
CA LYS A 274 9.47 -27.74 11.86
C LYS A 274 9.50 -27.19 10.43
N VAL A 275 8.83 -26.07 10.18
CA VAL A 275 8.70 -25.56 8.80
C VAL A 275 9.90 -24.69 8.44
N GLU A 276 10.53 -25.00 7.30
CA GLU A 276 11.60 -24.18 6.74
CA GLU A 276 11.60 -24.20 6.73
C GLU A 276 10.98 -23.04 5.95
N TRP A 277 11.27 -21.81 6.38
CA TRP A 277 10.72 -20.62 5.73
C TRP A 277 11.61 -20.24 4.56
N LYS A 278 11.01 -19.95 3.41
CA LYS A 278 11.75 -19.59 2.21
C LYS A 278 12.06 -18.10 2.16
N GLN A 279 11.16 -17.28 2.70
CA GLN A 279 11.31 -15.83 2.66
C GLN A 279 12.45 -15.37 3.54
N GLY A 280 13.50 -14.83 2.90
CA GLY A 280 14.62 -14.24 3.63
C GLY A 280 14.19 -13.05 4.47
N ASP A 281 14.89 -12.83 5.58
CA ASP A 281 14.49 -11.83 6.57
C ASP A 281 14.65 -10.43 6.02
N ILE A 282 15.72 -10.23 5.25
CA ILE A 282 15.95 -8.98 4.52
C ILE A 282 16.06 -9.26 3.03
N VAL A 283 15.19 -8.62 2.25
CA VAL A 283 15.29 -8.63 0.81
C VAL A 283 15.49 -7.19 0.35
N THR A 284 16.61 -6.91 -0.30
CA THR A 284 16.90 -5.57 -0.82
C THR A 284 16.81 -5.60 -2.35
N THR A 285 16.32 -4.50 -2.93
CA THR A 285 16.08 -4.38 -4.37
C THR A 285 16.61 -3.03 -4.88
N GLN A 286 17.54 -3.06 -5.84
CA GLN A 286 18.02 -1.86 -6.53
C GLN A 286 17.24 -1.68 -7.82
N ILE A 287 16.83 -0.45 -8.10
CA ILE A 287 16.03 -0.15 -9.28
C ILE A 287 16.64 1.06 -9.99
N GLN A 288 16.83 0.94 -11.30
CA GLN A 288 17.26 2.07 -12.15
C GLN A 288 16.02 2.77 -12.68
N CYS A 289 16.08 4.10 -12.76
CA CYS A 289 15.03 4.92 -13.35
C CYS A 289 15.50 5.51 -14.68
N HIS A 290 14.55 5.84 -15.55
CA HIS A 290 14.86 6.36 -16.88
C HIS A 290 15.72 7.62 -16.81
N ASN A 291 15.34 8.56 -15.94
CA ASN A 291 15.99 9.87 -15.87
C ASN A 291 17.22 9.90 -14.97
N GLY A 292 17.69 8.72 -14.57
CA GLY A 292 19.00 8.58 -13.93
C GLY A 292 18.97 8.34 -12.43
N GLU A 293 17.80 8.44 -11.81
CA GLU A 293 17.72 8.19 -10.36
C GLU A 293 17.87 6.70 -10.10
N THR A 294 18.23 6.35 -8.86
CA THR A 294 18.22 4.95 -8.40
C THR A 294 17.38 4.87 -7.15
N ILE A 295 16.75 3.71 -6.94
CA ILE A 295 15.91 3.45 -5.77
C ILE A 295 16.36 2.13 -5.16
N VAL A 296 16.48 2.08 -3.84
CA VAL A 296 16.75 0.85 -3.12
C VAL A 296 15.58 0.61 -2.17
N LEU A 297 14.92 -0.54 -2.32
CA LEU A 297 13.85 -0.94 -1.41
C LEU A 297 14.35 -2.02 -0.46
N THR A 298 13.73 -2.12 0.71
CA THR A 298 14.03 -3.16 1.71
C THR A 298 12.74 -3.76 2.27
N HIS A 299 12.63 -5.08 2.25
CA HIS A 299 11.50 -5.80 2.83
C HIS A 299 12.02 -6.45 4.11
N ASP A 300 11.38 -6.14 5.23
CA ASP A 300 11.89 -6.51 6.55
C ASP A 300 10.73 -6.64 7.54
N THR A 301 10.17 -7.85 7.65
CA THR A 301 8.95 -8.09 8.41
C THR A 301 8.97 -9.28 9.37
N SER A 302 10.09 -10.03 9.40
CA SER A 302 10.20 -11.22 10.24
C SER A 302 11.26 -11.10 11.35
N LEU A 303 11.66 -9.87 11.66
CA LEU A 303 12.65 -9.59 12.70
C LEU A 303 12.18 -8.52 13.69
N GLN A 304 12.70 -8.59 14.90
CA GLN A 304 12.53 -7.55 15.90
C GLN A 304 13.04 -6.20 15.37
N ARG A 305 12.27 -5.15 15.63
CA ARG A 305 12.62 -3.80 15.24
C ARG A 305 11.49 -2.84 15.59
N PRO A 306 11.83 -1.55 15.80
CA PRO A 306 10.81 -0.53 15.77
C PRO A 306 10.29 -0.35 14.34
N TYR A 307 9.07 0.15 14.19
CA TYR A 307 8.55 0.49 12.88
C TYR A 307 9.30 1.68 12.32
N ASN A 308 9.82 1.53 11.10
CA ASN A 308 10.40 2.64 10.35
C ASN A 308 10.58 2.23 8.90
N LEU A 309 9.91 2.93 7.99
CA LEU A 309 10.01 2.62 6.56
C LEU A 309 11.34 3.03 5.89
N GLY A 310 12.23 3.67 6.64
CA GLY A 310 13.60 3.91 6.20
C GLY A 310 13.68 4.79 4.96
N PHE A 311 12.95 5.90 4.96
CA PHE A 311 12.96 6.81 3.81
C PHE A 311 14.25 7.59 3.69
N LYS A 312 14.70 7.78 2.44
CA LYS A 312 15.76 8.72 2.10
C LYS A 312 15.42 9.40 0.79
N VAL A 313 15.40 10.72 0.79
CA VAL A 313 15.21 11.49 -0.43
C VAL A 313 16.42 12.37 -0.58
N GLN A 314 17.14 12.22 -1.68
CA GLN A 314 18.44 12.82 -1.86
C GLN A 314 18.60 13.49 -3.22
N GLY A 315 18.91 14.79 -3.20
CA GLY A 315 19.14 15.58 -4.40
C GLY A 315 20.35 16.48 -4.28
N THR A 316 20.55 17.33 -5.28
CA THR A 316 21.71 18.20 -5.37
C THR A 316 21.71 19.33 -4.34
N GLU A 317 20.56 19.65 -3.76
CA GLU A 317 20.46 20.71 -2.75
C GLU A 317 19.81 20.32 -1.43
N GLY A 318 19.38 19.06 -1.29
CA GLY A 318 18.67 18.61 -0.09
C GLY A 318 18.76 17.12 0.16
N LEU A 319 18.67 16.74 1.43
CA LEU A 319 18.73 15.35 1.86
C LEU A 319 17.82 15.18 3.07
N TRP A 320 16.98 14.15 3.03
CA TRP A 320 16.08 13.80 4.12
C TRP A 320 16.18 12.32 4.44
N GLU A 321 16.28 12.01 5.74
CA GLU A 321 16.21 10.64 6.24
C GLU A 321 15.31 10.59 7.46
N ASP A 322 14.43 9.59 7.52
CA ASP A 322 13.53 9.44 8.68
C ASP A 322 13.89 8.22 9.53
N PHE A 323 13.40 8.21 10.77
CA PHE A 323 13.65 7.09 11.67
C PHE A 323 12.44 6.60 12.45
N GLY A 324 11.26 7.18 12.17
CA GLY A 324 10.06 6.91 12.96
C GLY A 324 8.90 6.42 12.12
N TRP A 325 7.68 6.78 12.54
CA TRP A 325 6.45 6.34 11.86
C TRP A 325 5.72 7.53 11.26
N GLY A 326 6.46 8.62 11.03
CA GLY A 326 5.98 9.72 10.21
C GLY A 326 5.68 11.02 10.90
N GLU A 327 6.02 11.13 12.18
CA GLU A 327 5.83 12.39 12.88
C GLU A 327 6.88 13.42 12.47
N ALA A 328 6.56 14.69 12.74
CA ALA A 328 7.35 15.82 12.25
C ALA A 328 8.83 15.77 12.68
N ALA A 329 9.09 15.40 13.92
CA ALA A 329 10.43 15.45 14.51
C ALA A 329 11.22 14.13 14.40
N GLN A 330 10.67 13.14 13.68
CA GLN A 330 11.26 11.80 13.58
C GLN A 330 12.09 11.63 12.29
N GLY A 331 12.94 12.62 12.01
CA GLY A 331 13.84 12.57 10.88
C GLY A 331 14.92 13.63 10.93
N PHE A 332 15.85 13.53 9.98
CA PHE A 332 16.93 14.49 9.85
C PHE A 332 16.84 15.11 8.46
N ILE A 333 17.27 16.36 8.34
CA ILE A 333 17.20 17.06 7.07
C ILE A 333 18.40 18.00 6.93
N TYR A 334 18.91 18.15 5.69
CA TYR A 334 20.02 19.06 5.40
C TYR A 334 19.82 19.77 4.06
N PHE A 335 19.79 21.09 4.11
CA PHE A 335 19.67 21.97 2.96
C PHE A 335 20.83 22.95 3.00
N GLU A 336 21.89 22.62 2.27
CA GLU A 336 23.13 23.37 2.18
C GLU A 336 22.97 24.90 2.11
N LYS A 337 22.19 25.36 1.13
CA LYS A 337 22.09 26.77 0.81
C LYS A 337 21.21 27.54 1.79
N ILE A 338 20.22 26.85 2.37
CA ILE A 338 19.33 27.47 3.34
C ILE A 338 19.93 27.42 4.76
N MET A 339 20.81 26.46 5.02
CA MET A 339 21.36 26.25 6.38
C MET A 339 22.79 26.76 6.55
N ASN A 340 23.26 27.62 5.67
CA ASN A 340 24.59 28.23 5.79
C ASN A 340 25.73 27.23 5.72
N HIS A 341 25.58 26.17 4.93
CA HIS A 341 26.64 25.19 4.78
C HIS A 341 27.19 24.80 6.16
N SER A 342 26.31 24.41 7.07
CA SER A 342 26.67 24.07 8.44
C SER A 342 27.31 22.70 8.57
N HIS A 343 27.07 21.84 7.57
CA HIS A 343 27.52 20.45 7.59
C HIS A 343 26.96 19.60 8.76
N ARG A 344 25.81 20.00 9.29
CA ARG A 344 25.19 19.29 10.39
C ARG A 344 23.73 19.06 10.07
N TRP A 345 23.23 17.87 10.43
CA TRP A 345 21.81 17.59 10.33
C TRP A 345 21.02 18.62 11.13
N ASP A 346 19.85 18.97 10.63
CA ASP A 346 18.84 19.62 11.43
C ASP A 346 17.78 18.57 11.74
N SER A 347 17.06 18.76 12.84
CA SER A 347 15.85 17.97 13.07
C SER A 347 14.86 18.32 11.98
N SER A 348 14.13 17.32 11.50
CA SER A 348 13.15 17.51 10.43
C SER A 348 11.99 18.39 10.90
N GLU A 349 11.80 18.50 12.21
CA GLU A 349 10.57 19.06 12.78
C GLU A 349 10.07 20.37 12.20
N LYS A 350 10.89 21.41 12.26
CA LYS A 350 10.45 22.73 11.84
C LYS A 350 10.25 22.80 10.33
N TRP A 351 10.86 21.88 9.60
CA TRP A 351 10.74 21.84 8.15
C TRP A 351 9.45 21.16 7.72
N ILE A 352 9.10 20.06 8.39
CA ILE A 352 7.85 19.35 8.11
C ILE A 352 6.64 20.24 8.48
N LYS A 353 6.77 21.04 9.52
CA LYS A 353 5.68 21.91 9.96
C LYS A 353 5.51 23.12 9.04
N GLU A 354 6.63 23.71 8.64
CA GLU A 354 6.64 24.87 7.76
C GLU A 354 6.21 24.54 6.32
N TYR A 355 6.47 23.32 5.87
CA TYR A 355 6.15 22.93 4.49
C TYR A 355 5.09 21.85 4.46
N ASP A 356 4.28 21.78 5.52
CA ASP A 356 3.08 20.95 5.57
C ASP A 356 2.32 21.16 4.26
N HIS A 357 1.94 20.05 3.60
CA HIS A 357 1.21 20.15 2.34
C HIS A 357 -0.11 20.87 2.56
N PRO A 358 -0.47 21.81 1.66
CA PRO A 358 -1.73 22.54 1.69
C PRO A 358 -3.00 21.69 1.97
N MET A 359 -3.05 20.50 1.38
CA MET A 359 -4.16 19.58 1.58
C MET A 359 -4.34 19.22 3.05
N TRP A 360 -3.21 18.94 3.73
CA TRP A 360 -3.21 18.63 5.14
C TRP A 360 -3.54 19.84 5.99
N LYS A 361 -2.98 20.99 5.64
CA LYS A 361 -3.24 22.22 6.38
C LYS A 361 -4.70 22.63 6.31
N LYS A 362 -5.34 22.40 5.16
CA LYS A 362 -6.74 22.72 4.98
C LYS A 362 -7.68 21.75 5.67
N HIS A 363 -7.46 20.45 5.49
CA HIS A 363 -8.44 19.44 5.91
C HIS A 363 -8.02 18.63 7.14
N GLU A 364 -6.99 19.11 7.83
CA GLU A 364 -6.45 18.47 9.02
C GLU A 364 -7.50 17.87 9.94
N GLN A 365 -8.50 18.68 10.29
CA GLN A 365 -9.47 18.30 11.31
C GLN A 365 -10.52 17.30 10.85
N LYS A 366 -10.49 16.91 9.58
CA LYS A 366 -11.28 15.80 9.06
C LYS A 366 -10.58 14.44 9.24
N ALA A 367 -9.25 14.49 9.39
CA ALA A 367 -8.39 13.31 9.46
C ALA A 367 -7.86 13.05 10.86
N VAL A 368 -7.64 14.12 11.64
CA VAL A 368 -7.04 14.00 13.00
C VAL A 368 -7.74 14.95 14.00
N GLY A 369 -7.40 14.80 15.28
CA GLY A 369 -7.99 15.60 16.34
C GLY A 369 -9.48 15.29 16.47
N ALA A 370 -10.31 16.22 16.00
CA ALA A 370 -11.76 16.05 15.93
C ALA A 370 -12.15 14.98 14.91
N GLY A 371 -11.30 14.76 13.91
CA GLY A 371 -11.53 13.75 12.87
C GLY A 371 -10.84 12.43 13.13
N HIS A 372 -10.76 11.62 12.07
CA HIS A 372 -10.33 10.22 12.16
C HIS A 372 -9.77 9.73 10.81
N GLY A 373 -8.78 8.86 10.87
CA GLY A 373 -8.27 8.18 9.67
C GLY A 373 -6.81 8.47 9.34
N GLY A 374 -6.39 9.71 9.59
CA GLY A 374 -5.03 10.13 9.31
C GLY A 374 -4.78 10.17 7.82
N MET A 375 -3.70 9.54 7.38
CA MET A 375 -3.40 9.43 5.96
C MET A 375 -4.45 8.63 5.19
N ASP A 376 -5.14 7.73 5.87
CA ASP A 376 -6.18 6.92 5.23
C ASP A 376 -7.42 7.75 4.86
N TYR A 377 -7.71 8.78 5.65
CA TYR A 377 -8.77 9.71 5.29
C TYR A 377 -8.53 10.33 3.91
N PHE A 378 -7.31 10.80 3.70
CA PHE A 378 -6.95 11.54 2.49
C PHE A 378 -6.93 10.65 1.25
N LEU A 379 -6.40 9.43 1.39
CA LEU A 379 -6.41 8.43 0.30
C LEU A 379 -7.81 8.16 -0.20
N ASP A 380 -8.71 7.82 0.73
CA ASP A 380 -10.08 7.48 0.36
C ASP A 380 -10.90 8.70 -0.06
N ASN A 381 -10.53 9.88 0.43
CA ASN A 381 -11.12 11.12 -0.05
C ASN A 381 -10.81 11.41 -1.53
N THR A 382 -9.56 11.18 -1.93
CA THR A 382 -9.16 11.30 -3.32
C THR A 382 -9.93 10.30 -4.20
N PHE A 383 -10.13 9.10 -3.68
CA PHE A 383 -10.85 8.05 -4.39
C PHE A 383 -12.27 8.52 -4.71
N VAL A 384 -13.00 8.95 -3.68
CA VAL A 384 -14.38 9.38 -3.82
C VAL A 384 -14.51 10.67 -4.65
N GLU A 385 -13.64 11.65 -4.43
CA GLU A 385 -13.70 12.91 -5.17
C GLU A 385 -13.41 12.76 -6.65
N CYS A 386 -12.54 11.82 -7.01
CA CYS A 386 -12.26 11.54 -8.43
C CYS A 386 -13.47 10.90 -9.10
N ILE A 387 -14.20 10.05 -8.38
CA ILE A 387 -15.41 9.42 -8.89
C ILE A 387 -16.52 10.46 -9.11
N LYS A 388 -16.73 11.32 -8.12
CA LYS A 388 -17.72 12.41 -8.21
C LYS A 388 -17.44 13.38 -9.37
N ARG A 389 -16.16 13.64 -9.62
CA ARG A 389 -15.75 14.62 -10.64
C ARG A 389 -15.51 13.99 -12.02
N ASN A 390 -15.52 12.66 -12.08
CA ASN A 390 -15.28 11.89 -13.30
C ASN A 390 -13.87 12.12 -13.85
N GLU A 391 -12.89 12.11 -12.95
CA GLU A 391 -11.50 12.38 -13.29
C GLU A 391 -10.58 11.21 -13.01
N ALA A 392 -9.48 11.17 -13.76
CA ALA A 392 -8.48 10.11 -13.64
C ALA A 392 -7.87 10.12 -12.26
N PHE A 393 -7.61 8.93 -11.72
CA PHE A 393 -6.91 8.78 -10.44
C PHE A 393 -5.43 9.16 -10.60
N PRO A 394 -4.82 9.72 -9.55
CA PRO A 394 -3.40 10.10 -9.59
C PRO A 394 -2.45 8.92 -9.45
N LEU A 395 -2.92 7.89 -8.76
CA LEU A 395 -2.22 6.62 -8.66
C LEU A 395 -3.16 5.60 -9.33
N ASP A 396 -2.89 5.27 -10.59
CA ASP A 396 -3.84 4.53 -11.43
C ASP A 396 -3.45 3.07 -11.75
N VAL A 397 -4.19 2.43 -12.65
CA VAL A 397 -3.96 1.03 -13.00
C VAL A 397 -2.53 0.74 -13.49
N TYR A 398 -1.91 1.71 -14.17
CA TYR A 398 -0.55 1.53 -14.68
C TYR A 398 0.45 1.48 -13.52
N ASP A 399 0.17 2.29 -12.51
CA ASP A 399 1.01 2.37 -11.31
C ASP A 399 0.87 1.11 -10.46
N LEU A 400 -0.36 0.65 -10.30
CA LEU A 400 -0.62 -0.62 -9.63
C LEU A 400 0.23 -1.70 -10.28
N ALA A 401 0.12 -1.82 -11.61
CA ALA A 401 0.79 -2.88 -12.37
C ALA A 401 2.30 -2.81 -12.21
N THR A 402 2.82 -1.59 -12.19
CA THR A 402 4.26 -1.35 -12.09
C THR A 402 4.81 -1.79 -10.73
N TRP A 403 4.13 -1.36 -9.68
CA TRP A 403 4.58 -1.68 -8.33
C TRP A 403 4.41 -3.16 -8.08
N TYR A 404 3.25 -3.68 -8.47
CA TYR A 404 2.93 -5.09 -8.33
C TYR A 404 3.99 -5.96 -9.00
N SER A 405 4.46 -5.55 -10.18
CA SER A 405 5.46 -6.31 -10.94
C SER A 405 6.82 -6.47 -10.25
N ILE A 406 7.12 -5.59 -9.28
CA ILE A 406 8.37 -5.67 -8.51
C ILE A 406 8.46 -7.01 -7.77
N THR A 407 7.32 -7.55 -7.34
CA THR A 407 7.31 -8.81 -6.58
C THR A 407 7.73 -10.02 -7.43
N PRO A 408 6.98 -10.36 -8.50
CA PRO A 408 7.41 -11.51 -9.32
C PRO A 408 8.81 -11.39 -9.91
N LEU A 409 9.21 -10.18 -10.29
CA LEU A 409 10.52 -9.97 -10.89
C LEU A 409 11.64 -10.10 -9.87
N SER A 410 11.37 -9.73 -8.62
CA SER A 410 12.35 -9.90 -7.54
C SER A 410 12.57 -11.37 -7.23
N GLU A 411 11.49 -12.15 -7.28
CA GLU A 411 11.57 -13.60 -7.02
C GLU A 411 12.39 -14.31 -8.08
N LYS A 412 12.23 -13.88 -9.33
CA LYS A 412 13.01 -14.39 -10.45
C LYS A 412 14.47 -13.95 -10.38
N SER A 413 14.71 -12.76 -9.85
CA SER A 413 16.08 -12.27 -9.61
C SER A 413 16.80 -13.11 -8.55
N ILE A 414 16.13 -13.32 -7.42
CA ILE A 414 16.64 -14.16 -6.33
C ILE A 414 16.89 -15.61 -6.78
N ALA A 415 15.96 -16.18 -7.55
CA ALA A 415 16.13 -17.52 -8.11
C ALA A 415 17.34 -17.60 -9.07
N GLU A 416 17.71 -16.45 -9.65
CA GLU A 416 18.85 -16.35 -10.57
C GLU A 416 20.09 -15.70 -9.92
N ASN A 417 20.22 -15.85 -8.61
CA ASN A 417 21.34 -15.29 -7.84
C ASN A 417 21.59 -13.80 -8.11
N GLY A 418 20.49 -13.04 -8.18
CA GLY A 418 20.53 -11.59 -8.29
C GLY A 418 20.52 -11.02 -9.69
N ALA A 419 20.27 -11.86 -10.69
CA ALA A 419 20.28 -11.45 -12.11
C ALA A 419 19.31 -10.28 -12.33
N VAL A 420 19.70 -9.35 -13.21
CA VAL A 420 18.90 -8.16 -13.46
C VAL A 420 17.68 -8.51 -14.30
N GLN A 421 16.54 -7.93 -13.93
CA GLN A 421 15.27 -8.16 -14.61
C GLN A 421 14.73 -6.83 -15.13
N GLU A 422 14.35 -6.77 -16.41
CA GLU A 422 13.72 -5.59 -16.99
C GLU A 422 12.29 -5.46 -16.45
N ILE A 423 11.92 -4.26 -16.02
CA ILE A 423 10.55 -3.99 -15.59
C ILE A 423 9.76 -3.56 -16.83
N PRO A 424 8.62 -4.22 -17.11
CA PRO A 424 7.86 -3.82 -18.30
C PRO A 424 7.31 -2.39 -18.25
N ASP A 425 7.12 -1.81 -19.43
CA ASP A 425 6.44 -0.52 -19.56
C ASP A 425 4.96 -0.78 -19.80
N PHE A 426 4.21 -0.75 -18.70
CA PHE A 426 2.78 -1.04 -18.76
C PHE A 426 1.99 0.09 -19.42
N THR A 427 2.61 1.27 -19.56
CA THR A 427 1.95 2.43 -20.18
C THR A 427 2.08 2.47 -21.70
N ASN A 428 2.95 1.65 -22.27
CA ASN A 428 3.14 1.64 -23.72
C ASN A 428 3.51 3.01 -24.31
N GLY A 429 4.52 3.64 -23.73
CA GLY A 429 5.00 4.94 -24.21
C GLY A 429 4.26 6.15 -23.67
N LYS A 430 3.12 5.91 -23.02
CA LYS A 430 2.30 7.00 -22.47
C LYS A 430 2.98 7.72 -21.31
N TRP A 431 3.92 7.03 -20.65
CA TRP A 431 4.68 7.61 -19.53
C TRP A 431 5.45 8.87 -19.89
N LYS A 432 5.87 8.98 -21.15
CA LYS A 432 6.69 10.11 -21.58
C LYS A 432 5.95 11.44 -21.37
N ASN A 433 4.68 11.48 -21.76
CA ASN A 433 3.88 12.71 -21.78
C ASN A 433 2.80 12.84 -20.71
N ALA A 434 2.69 11.83 -19.83
CA ALA A 434 1.70 11.88 -18.75
C ALA A 434 2.15 12.85 -17.67
N LYS A 435 1.19 13.54 -17.05
CA LYS A 435 1.46 14.57 -16.07
C LYS A 435 1.15 14.07 -14.68
N ASN A 436 2.04 14.38 -13.72
CA ASN A 436 1.86 14.06 -12.31
C ASN A 436 0.67 14.86 -11.76
N THR A 437 -0.38 14.15 -11.32
CA THR A 437 -1.57 14.78 -10.76
C THR A 437 -1.81 14.36 -9.29
N PHE A 438 -0.77 13.86 -8.63
CA PHE A 438 -0.87 13.46 -7.22
C PHE A 438 -0.73 14.68 -6.28
N ALA A 439 -1.78 14.95 -5.51
CA ALA A 439 -1.74 16.02 -4.53
C ALA A 439 -1.21 17.34 -5.11
N ILE A 440 -1.76 17.73 -6.25
CA ILE A 440 -1.42 18.99 -6.92
C ILE A 440 -2.44 20.09 -6.59
N ASN A 441 -3.39 19.78 -5.72
CA ASN A 441 -4.27 20.80 -5.15
C ASN A 441 -4.52 20.55 -3.66
N ASP A 442 -5.25 21.45 -3.01
CA ASP A 442 -5.45 21.39 -1.57
C ASP A 442 -6.68 20.61 -1.14
N ASP A 443 -7.36 19.97 -2.10
CA ASP A 443 -8.62 19.28 -1.82
C ASP A 443 -8.58 17.76 -2.02
N TYR A 444 -7.91 17.28 -3.07
CA TYR A 444 -7.93 15.84 -3.39
C TYR A 444 -6.80 15.45 -4.35
#